data_1MDZ
#
_entry.id   1MDZ
#
_cell.length_a   90.904
_cell.length_b   90.904
_cell.length_c   127.710
_cell.angle_alpha   90.00
_cell.angle_beta   90.00
_cell.angle_gamma   90.00
#
_symmetry.space_group_name_H-M   'P 43 21 2'
#
loop_
_entity.id
_entity.type
_entity.pdbx_description
1 polymer 'ArnB aminotransferase'
2 non-polymer D-[3-HYDROXY-2-METHYL-5-PHOSPHONOOXYMETHYL-PYRIDIN-4-YLMETHYL]-N,O-CYCLOSERYLAMIDE
3 non-polymer "PYRIDOXAL-5'-PHOSPHATE"
4 water water
#
_entity_poly.entity_id   1
_entity_poly.type   'polypeptide(L)'
_entity_poly.pdbx_seq_one_letter_code
;MAEGKMMSDFLPFSRPAMGAEELAAVKTVLDSGWITTGPKNQELEAAFCRLTGNQYAVAVSSATAGMHIALMALGIGEGD
EVITPSMTWVSTLNMIVLLGANPVMVDVDRDTLMVTPEHIEAAITPQTKAIIPVHYAGAPADLDAIYALGERYGIPVIED
AAHATGTSYKGRHIGARGTAIFSFHAIKNITCAEGGIVVTDNPQFADKLRSLKFHGLGVDAWDRQSGGRAPQAEVLAPGY
KYNLPDLNAAIALAQLQKLDALNARRAAIAAQYHQAMADLPFQPLSLPSWEHIHAWHLFIIRVDEARCGITRDALMASLK
TKGIGTGLHFRAAHTQKYYRERFPTLTLPDTEWNSERICSLPLFPDMTESDFDRVITALHQIAGQGSHHHHHH
;
_entity_poly.pdbx_strand_id   A
#
# COMPACT_ATOMS: atom_id res chain seq x y z
N ASP A 9 10.21 9.11 26.53
CA ASP A 9 10.35 9.53 25.13
C ASP A 9 9.81 8.48 24.17
N PHE A 10 8.49 8.38 24.04
CA PHE A 10 7.90 7.41 23.15
C PHE A 10 8.43 7.45 21.73
N LEU A 11 8.84 6.29 21.23
CA LEU A 11 9.32 6.17 19.86
C LEU A 11 8.31 5.35 19.05
N PRO A 12 7.50 6.04 18.26
CA PRO A 12 6.48 5.38 17.45
C PRO A 12 7.10 4.60 16.31
N PHE A 13 6.36 3.65 15.71
CA PHE A 13 6.94 2.91 14.59
C PHE A 13 7.10 3.78 13.36
N SER A 14 6.36 4.88 13.26
CA SER A 14 6.47 5.74 12.09
C SER A 14 6.15 7.19 12.49
N ARG A 15 6.71 8.12 11.76
CA ARG A 15 6.54 9.55 11.95
C ARG A 15 6.70 10.19 10.55
N PRO A 16 5.83 11.11 10.21
CA PRO A 16 5.89 11.74 8.90
C PRO A 16 7.11 12.68 8.85
N ALA A 17 7.70 12.82 7.67
CA ALA A 17 8.85 13.68 7.47
C ALA A 17 8.39 15.07 7.04
N MET A 18 7.83 15.81 7.96
CA MET A 18 7.28 17.15 7.72
C MET A 18 8.31 18.21 8.06
N GLY A 19 8.58 19.13 7.13
CA GLY A 19 9.57 20.18 7.36
C GLY A 19 9.06 21.53 6.90
N ALA A 20 9.97 22.45 6.56
CA ALA A 20 9.59 23.78 6.13
C ALA A 20 8.87 23.81 4.79
N GLU A 21 9.23 22.91 3.88
CA GLU A 21 8.62 22.86 2.56
C GLU A 21 7.13 22.49 2.62
N GLU A 22 6.76 21.60 3.54
CA GLU A 22 5.33 21.21 3.60
C GLU A 22 4.49 22.39 4.03
N LEU A 23 4.95 23.16 5.00
CA LEU A 23 4.28 24.34 5.49
C LEU A 23 4.22 25.44 4.45
N ALA A 24 5.35 25.67 3.77
CA ALA A 24 5.41 26.67 2.71
C ALA A 24 4.38 26.31 1.62
N ALA A 25 4.34 25.03 1.22
CA ALA A 25 3.39 24.57 0.23
C ALA A 25 1.96 24.87 0.68
N VAL A 26 1.64 24.66 1.95
CA VAL A 26 0.28 24.96 2.42
C VAL A 26 0.01 26.46 2.38
N LYS A 27 1.00 27.26 2.83
CA LYS A 27 0.85 28.70 2.84
C LYS A 27 0.49 29.24 1.47
N THR A 28 1.24 28.81 0.44
CA THR A 28 0.91 29.29 -0.91
C THR A 28 -0.49 28.92 -1.30
N VAL A 29 -0.95 27.70 -0.93
CA VAL A 29 -2.35 27.36 -1.30
C VAL A 29 -3.32 28.26 -0.53
N LEU A 30 -3.15 28.38 0.78
CA LEU A 30 -4.01 29.22 1.60
C LEU A 30 -4.07 30.65 1.09
N ASP A 31 -2.93 31.26 0.79
CA ASP A 31 -2.88 32.64 0.29
C ASP A 31 -3.52 32.78 -1.08
N SER A 32 -3.43 31.75 -1.94
CA SER A 32 -4.01 31.82 -3.26
C SER A 32 -5.54 31.89 -3.21
N GLY A 33 -6.15 31.33 -2.18
CA GLY A 33 -7.62 31.32 -2.12
C GLY A 33 -8.19 30.07 -2.78
N TRP A 34 -7.38 29.31 -3.51
CA TRP A 34 -7.99 28.10 -4.16
C TRP A 34 -7.48 26.88 -3.44
N ILE A 35 -8.23 26.54 -2.38
CA ILE A 35 -7.90 25.47 -1.46
C ILE A 35 -8.39 24.09 -1.81
N THR A 36 -9.41 23.93 -2.65
CA THR A 36 -9.82 22.57 -3.01
C THR A 36 -9.27 22.21 -4.39
N THR A 37 -9.71 21.11 -4.97
CA THR A 37 -9.21 20.57 -6.23
C THR A 37 -9.05 21.58 -7.34
N GLY A 38 -7.84 21.74 -7.86
CA GLY A 38 -7.56 22.73 -8.90
C GLY A 38 -6.18 22.47 -9.49
N PRO A 39 -5.34 23.50 -9.61
CA PRO A 39 -4.03 23.36 -10.17
C PRO A 39 -3.06 22.45 -9.47
N LYS A 40 -3.07 22.36 -8.13
CA LYS A 40 -2.11 21.50 -7.46
C LYS A 40 -2.37 20.01 -7.74
N ASN A 41 -3.63 19.63 -7.86
CA ASN A 41 -4.03 18.28 -8.19
C ASN A 41 -3.51 17.93 -9.59
N GLN A 42 -3.66 18.87 -10.53
CA GLN A 42 -3.19 18.67 -11.91
C GLN A 42 -1.68 18.45 -11.90
N GLU A 43 -0.97 19.21 -11.11
CA GLU A 43 0.48 19.10 -11.03
C GLU A 43 0.91 17.79 -10.43
N LEU A 44 0.17 17.38 -9.36
CA LEU A 44 0.47 16.11 -8.71
C LEU A 44 0.21 14.98 -9.72
N GLU A 45 -0.87 15.05 -10.48
CA GLU A 45 -1.15 14.01 -11.48
C GLU A 45 -0.03 13.97 -12.53
N ALA A 46 0.36 15.13 -13.07
CA ALA A 46 1.42 15.17 -14.06
C ALA A 46 2.71 14.65 -13.47
N ALA A 47 3.03 15.00 -12.21
CA ALA A 47 4.24 14.49 -11.59
C ALA A 47 4.25 12.98 -11.42
N PHE A 48 3.10 12.36 -11.08
CA PHE A 48 3.07 10.92 -10.88
C PHE A 48 3.24 10.20 -12.21
N CYS A 49 2.81 10.81 -13.29
CA CYS A 49 2.98 10.24 -14.62
C CYS A 49 4.48 10.32 -14.99
N ARG A 50 5.10 11.45 -14.66
CA ARG A 50 6.53 11.66 -14.91
C ARG A 50 7.35 10.68 -14.09
N LEU A 51 6.97 10.50 -12.82
CA LEU A 51 7.65 9.60 -11.93
C LEU A 51 7.60 8.13 -12.36
N THR A 52 6.40 7.69 -12.77
CA THR A 52 6.23 6.29 -13.13
C THR A 52 6.53 5.91 -14.57
N GLY A 53 6.24 6.80 -15.50
CA GLY A 53 6.38 6.50 -16.93
C GLY A 53 5.01 6.15 -17.49
N ASN A 54 3.97 6.23 -16.64
CA ASN A 54 2.63 5.91 -17.13
C ASN A 54 2.01 7.15 -17.78
N GLN A 55 0.93 6.95 -18.54
CA GLN A 55 0.29 8.06 -19.23
C GLN A 55 -0.79 8.81 -18.50
N TYR A 56 -1.54 8.25 -17.56
CA TYR A 56 -2.62 9.00 -16.88
C TYR A 56 -2.59 8.79 -15.37
N ALA A 57 -3.02 9.79 -14.61
CA ALA A 57 -3.05 9.71 -13.16
C ALA A 57 -4.24 10.52 -12.64
N VAL A 58 -4.98 9.90 -11.72
CA VAL A 58 -6.17 10.56 -11.14
C VAL A 58 -5.97 10.67 -9.62
N ALA A 59 -5.78 11.88 -9.10
CA ALA A 59 -5.57 12.01 -7.65
C ALA A 59 -6.88 11.81 -6.89
N VAL A 60 -6.84 11.23 -5.69
CA VAL A 60 -8.05 11.01 -4.92
C VAL A 60 -7.82 11.24 -3.42
N SER A 61 -8.88 11.13 -2.64
CA SER A 61 -8.80 11.37 -1.18
C SER A 61 -8.12 10.27 -0.40
N SER A 62 -7.95 9.05 -0.93
CA SER A 62 -7.25 7.99 -0.26
C SER A 62 -6.99 6.83 -1.23
N ALA A 63 -6.08 5.92 -0.89
CA ALA A 63 -5.84 4.76 -1.78
C ALA A 63 -7.08 3.85 -1.70
N THR A 64 -7.75 3.77 -0.55
CA THR A 64 -9.02 3.01 -0.46
C THR A 64 -9.98 3.54 -1.52
N ALA A 65 -10.18 4.87 -1.56
CA ALA A 65 -11.08 5.48 -2.53
C ALA A 65 -10.69 5.12 -3.96
N GLY A 66 -9.38 5.17 -4.23
CA GLY A 66 -8.90 4.82 -5.57
C GLY A 66 -9.30 3.38 -5.88
N MET A 67 -9.12 2.47 -4.91
CA MET A 67 -9.50 1.06 -5.12
C MET A 67 -10.98 0.94 -5.41
N HIS A 68 -11.79 1.67 -4.65
CA HIS A 68 -13.25 1.68 -4.87
C HIS A 68 -13.61 2.10 -6.28
N ILE A 69 -13.14 3.28 -6.71
CA ILE A 69 -13.50 3.75 -8.05
C ILE A 69 -12.84 2.92 -9.15
N ALA A 70 -11.68 2.33 -8.89
CA ALA A 70 -11.07 1.51 -9.95
C ALA A 70 -11.91 0.28 -10.22
N LEU A 71 -12.33 -0.38 -9.13
CA LEU A 71 -13.12 -1.61 -9.29
C LEU A 71 -14.49 -1.30 -9.84
N MET A 72 -15.05 -0.15 -9.46
CA MET A 72 -16.34 0.30 -9.88
C MET A 72 -16.33 0.63 -11.36
N ALA A 73 -15.24 1.29 -11.77
CA ALA A 73 -15.03 1.66 -13.15
C ALA A 73 -14.96 0.42 -14.04
N LEU A 74 -14.49 -0.70 -13.51
CA LEU A 74 -14.45 -1.96 -14.26
C LEU A 74 -15.84 -2.57 -14.38
N GLY A 75 -16.85 -2.01 -13.71
CA GLY A 75 -18.21 -2.51 -13.75
C GLY A 75 -18.40 -3.71 -12.83
N ILE A 76 -17.50 -3.92 -11.89
CA ILE A 76 -17.57 -5.03 -10.95
C ILE A 76 -18.77 -4.91 -10.03
N GLY A 77 -19.45 -6.05 -9.85
CA GLY A 77 -20.64 -6.10 -9.03
C GLY A 77 -21.10 -7.50 -8.67
N GLU A 78 -22.40 -7.60 -8.43
CA GLU A 78 -23.06 -8.83 -8.02
C GLU A 78 -22.68 -10.02 -8.89
N GLY A 79 -22.22 -11.10 -8.30
CA GLY A 79 -21.87 -12.30 -9.08
C GLY A 79 -20.41 -12.34 -9.51
N ASP A 80 -19.75 -11.20 -9.64
CA ASP A 80 -18.37 -11.11 -10.03
C ASP A 80 -17.43 -11.49 -8.89
N GLU A 81 -16.30 -12.10 -9.20
CA GLU A 81 -15.30 -12.48 -8.25
C GLU A 81 -14.03 -11.61 -8.47
N VAL A 82 -13.32 -11.35 -7.39
CA VAL A 82 -12.11 -10.55 -7.43
C VAL A 82 -11.04 -11.28 -6.62
N ILE A 83 -9.95 -11.67 -7.26
CA ILE A 83 -8.87 -12.36 -6.54
C ILE A 83 -7.98 -11.38 -5.82
N THR A 84 -7.67 -11.64 -4.59
CA THR A 84 -6.82 -10.83 -3.75
C THR A 84 -6.29 -11.67 -2.60
N PRO A 85 -5.11 -11.37 -2.11
CA PRO A 85 -4.62 -12.07 -0.94
C PRO A 85 -5.47 -11.58 0.26
N SER A 86 -5.46 -12.39 1.31
CA SER A 86 -6.09 -12.02 2.57
C SER A 86 -5.02 -11.20 3.33
N MET A 87 -3.73 -11.49 3.01
CA MET A 87 -2.65 -10.75 3.67
C MET A 87 -2.53 -9.36 3.01
N THR A 88 -3.32 -8.42 3.48
CA THR A 88 -3.36 -7.05 2.97
C THR A 88 -4.29 -6.27 3.88
N TRP A 89 -4.40 -4.97 3.63
CA TRP A 89 -5.28 -4.15 4.49
C TRP A 89 -6.72 -4.49 4.15
N VAL A 90 -7.63 -4.43 5.12
CA VAL A 90 -9.02 -4.76 4.87
C VAL A 90 -9.75 -3.87 3.89
N SER A 91 -9.25 -2.65 3.63
CA SER A 91 -9.89 -1.77 2.65
C SER A 91 -10.18 -2.47 1.36
N THR A 92 -9.21 -3.22 0.80
CA THR A 92 -9.50 -3.86 -0.49
C THR A 92 -10.68 -4.82 -0.41
N LEU A 93 -10.69 -5.68 0.60
CA LEU A 93 -11.76 -6.66 0.80
C LEU A 93 -13.10 -5.95 0.96
N ASN A 94 -13.13 -4.90 1.79
CA ASN A 94 -14.33 -4.11 1.98
C ASN A 94 -14.81 -3.51 0.69
N MET A 95 -13.90 -2.98 -0.18
CA MET A 95 -14.39 -2.39 -1.42
C MET A 95 -14.98 -3.43 -2.35
N ILE A 96 -14.41 -4.62 -2.43
CA ILE A 96 -14.95 -5.69 -3.26
C ILE A 96 -16.36 -6.05 -2.73
N VAL A 97 -16.46 -6.28 -1.44
CA VAL A 97 -17.74 -6.65 -0.83
C VAL A 97 -18.81 -5.58 -0.96
N LEU A 98 -18.46 -4.31 -0.69
CA LEU A 98 -19.39 -3.22 -0.73
C LEU A 98 -19.92 -2.93 -2.12
N LEU A 99 -19.21 -3.33 -3.14
CA LEU A 99 -19.65 -3.19 -4.52
C LEU A 99 -20.61 -4.33 -4.91
N GLY A 100 -20.80 -5.32 -4.02
CA GLY A 100 -21.68 -6.45 -4.29
C GLY A 100 -20.96 -7.67 -4.84
N ALA A 101 -19.65 -7.58 -5.04
CA ALA A 101 -18.86 -8.68 -5.59
C ALA A 101 -18.33 -9.61 -4.53
N ASN A 102 -17.79 -10.76 -4.95
CA ASN A 102 -17.25 -11.75 -4.06
C ASN A 102 -15.74 -11.82 -4.08
N PRO A 103 -15.13 -11.55 -2.94
CA PRO A 103 -13.69 -11.60 -2.81
C PRO A 103 -13.26 -13.07 -2.73
N VAL A 104 -12.22 -13.39 -3.50
CA VAL A 104 -11.67 -14.74 -3.47
C VAL A 104 -10.25 -14.60 -2.94
N MET A 105 -10.07 -14.81 -1.65
CA MET A 105 -8.76 -14.67 -1.03
C MET A 105 -7.90 -15.91 -1.26
N VAL A 106 -6.65 -15.65 -1.62
CA VAL A 106 -5.65 -16.67 -1.90
C VAL A 106 -4.44 -16.46 -1.00
N ASP A 107 -3.60 -17.49 -0.89
CA ASP A 107 -2.46 -17.44 0.00
C ASP A 107 -1.29 -16.68 -0.60
N VAL A 108 -0.30 -16.38 0.24
CA VAL A 108 0.87 -15.66 -0.24
C VAL A 108 2.14 -16.44 0.08
N ASP A 109 3.24 -16.00 -0.53
CA ASP A 109 4.54 -16.63 -0.26
C ASP A 109 4.80 -16.54 1.24
N ARG A 110 5.27 -17.60 1.83
CA ARG A 110 5.55 -17.67 3.26
C ARG A 110 6.64 -16.75 3.76
N ASP A 111 7.55 -16.28 2.91
CA ASP A 111 8.63 -15.43 3.35
C ASP A 111 8.58 -14.01 2.81
N THR A 112 7.91 -13.76 1.69
CA THR A 112 7.84 -12.40 1.17
C THR A 112 6.45 -11.80 1.37
N LEU A 113 5.47 -12.62 1.72
CA LEU A 113 4.10 -12.23 1.93
C LEU A 113 3.42 -11.72 0.68
N MET A 114 3.89 -12.16 -0.49
CA MET A 114 3.30 -11.73 -1.73
C MET A 114 2.55 -12.85 -2.43
N VAL A 115 1.47 -12.45 -3.07
CA VAL A 115 0.58 -13.34 -3.77
C VAL A 115 1.33 -13.98 -4.93
N THR A 116 1.34 -15.30 -4.99
CA THR A 116 2.06 -15.97 -6.07
C THR A 116 1.17 -16.21 -7.26
N PRO A 117 1.79 -16.32 -8.44
CA PRO A 117 1.04 -16.62 -9.65
C PRO A 117 0.25 -17.93 -9.50
N GLU A 118 0.82 -18.95 -8.87
CA GLU A 118 0.12 -20.23 -8.70
C GLU A 118 -1.17 -20.07 -7.90
N HIS A 119 -1.08 -19.41 -6.76
CA HIS A 119 -2.30 -19.22 -5.92
C HIS A 119 -3.35 -18.46 -6.68
N ILE A 120 -2.97 -17.45 -7.46
CA ILE A 120 -3.89 -16.68 -8.25
C ILE A 120 -4.54 -17.56 -9.33
N GLU A 121 -3.69 -18.25 -10.10
CA GLU A 121 -4.21 -19.07 -11.20
C GLU A 121 -5.13 -20.17 -10.71
N ALA A 122 -4.88 -20.80 -9.58
CA ALA A 122 -5.80 -21.87 -9.14
C ALA A 122 -7.19 -21.37 -8.77
N ALA A 123 -7.35 -20.07 -8.48
CA ALA A 123 -8.62 -19.50 -8.10
C ALA A 123 -9.37 -18.86 -9.23
N ILE A 124 -8.79 -18.78 -10.44
CA ILE A 124 -9.50 -18.15 -11.55
C ILE A 124 -10.66 -19.02 -11.99
N THR A 125 -11.78 -18.43 -12.32
CA THR A 125 -13.01 -19.01 -12.79
C THR A 125 -13.53 -18.02 -13.86
N PRO A 126 -14.64 -18.31 -14.51
CA PRO A 126 -15.23 -17.42 -15.49
C PRO A 126 -15.83 -16.17 -14.85
N GLN A 127 -16.01 -16.16 -13.53
CA GLN A 127 -16.55 -15.03 -12.81
C GLN A 127 -15.42 -14.08 -12.36
N THR A 128 -14.15 -14.45 -12.50
CA THR A 128 -13.07 -13.54 -12.05
C THR A 128 -13.05 -12.28 -12.89
N LYS A 129 -13.17 -11.10 -12.23
CA LYS A 129 -13.20 -9.86 -13.00
C LYS A 129 -12.02 -8.94 -12.71
N ALA A 130 -11.18 -9.24 -11.76
CA ALA A 130 -10.02 -8.46 -11.43
C ALA A 130 -9.10 -9.30 -10.53
N ILE A 131 -7.83 -8.99 -10.59
CA ILE A 131 -6.78 -9.62 -9.80
C ILE A 131 -6.01 -8.47 -9.13
N ILE A 132 -5.88 -8.46 -7.82
CA ILE A 132 -5.23 -7.36 -7.09
C ILE A 132 -4.01 -7.81 -6.30
N PRO A 133 -2.81 -7.78 -6.86
CA PRO A 133 -1.61 -8.14 -6.12
C PRO A 133 -1.18 -6.96 -5.26
N VAL A 134 -0.44 -7.21 -4.19
CA VAL A 134 0.04 -6.17 -3.32
C VAL A 134 1.57 -6.16 -3.32
N HIS A 135 2.15 -5.01 -3.64
CA HIS A 135 3.62 -4.88 -3.59
C HIS A 135 3.92 -4.69 -2.11
N TYR A 136 4.16 -5.78 -1.43
CA TYR A 136 4.35 -5.85 -0.03
C TYR A 136 5.56 -5.26 0.62
N ALA A 137 5.32 -4.31 1.52
CA ALA A 137 6.28 -3.58 2.30
C ALA A 137 7.26 -2.69 1.55
N GLY A 138 7.21 -2.58 0.25
CA GLY A 138 8.17 -1.74 -0.48
C GLY A 138 8.71 -2.59 -1.65
N ALA A 139 8.57 -3.92 -1.52
CA ALA A 139 9.03 -4.82 -2.58
C ALA A 139 7.94 -5.10 -3.60
N PRO A 140 8.28 -5.41 -4.82
CA PRO A 140 7.34 -5.69 -5.87
C PRO A 140 6.97 -7.17 -6.02
N ALA A 141 5.74 -7.40 -6.43
CA ALA A 141 5.19 -8.72 -6.70
C ALA A 141 5.64 -9.20 -8.08
N ASP A 142 5.44 -10.45 -8.42
CA ASP A 142 5.87 -10.98 -9.72
C ASP A 142 5.04 -10.49 -10.89
N LEU A 143 5.24 -9.24 -11.31
CA LEU A 143 4.45 -8.67 -12.38
C LEU A 143 4.45 -9.42 -13.69
N ASP A 144 5.59 -9.83 -14.25
CA ASP A 144 5.57 -10.56 -15.52
C ASP A 144 4.60 -11.73 -15.46
N ALA A 145 4.77 -12.60 -14.48
CA ALA A 145 3.86 -13.74 -14.31
C ALA A 145 2.44 -13.27 -14.04
N ILE A 146 2.25 -12.25 -13.19
CA ILE A 146 0.86 -11.81 -12.93
C ILE A 146 0.20 -11.21 -14.13
N TYR A 147 0.89 -10.39 -14.93
CA TYR A 147 0.28 -9.79 -16.13
C TYR A 147 0.02 -10.86 -17.19
N ALA A 148 0.90 -11.85 -17.29
CA ALA A 148 0.72 -12.94 -18.27
C ALA A 148 -0.61 -13.64 -18.02
N LEU A 149 -0.82 -13.95 -16.72
CA LEU A 149 -2.07 -14.57 -16.30
C LEU A 149 -3.23 -13.66 -16.72
N GLY A 150 -3.07 -12.36 -16.42
CA GLY A 150 -4.08 -11.39 -16.78
C GLY A 150 -4.37 -11.39 -18.28
N GLU A 151 -3.31 -11.43 -19.10
CA GLU A 151 -3.48 -11.42 -20.55
C GLU A 151 -4.04 -12.74 -21.07
N ARG A 152 -3.60 -13.86 -20.53
CA ARG A 152 -4.09 -15.17 -20.96
C ARG A 152 -5.59 -15.31 -20.74
N TYR A 153 -6.03 -15.05 -19.50
CA TYR A 153 -7.43 -15.18 -19.16
C TYR A 153 -8.31 -14.00 -19.43
N GLY A 154 -7.81 -12.84 -19.85
CA GLY A 154 -8.70 -11.70 -20.12
C GLY A 154 -9.22 -11.10 -18.82
N ILE A 155 -8.35 -10.96 -17.83
CA ILE A 155 -8.69 -10.40 -16.53
C ILE A 155 -7.85 -9.19 -16.15
N PRO A 156 -8.51 -8.07 -15.87
CA PRO A 156 -7.81 -6.87 -15.46
C PRO A 156 -7.00 -7.05 -14.20
N VAL A 157 -5.81 -6.46 -14.18
CA VAL A 157 -4.90 -6.48 -13.05
C VAL A 157 -4.87 -5.06 -12.45
N ILE A 158 -5.20 -4.90 -11.17
CA ILE A 158 -5.21 -3.60 -10.49
C ILE A 158 -4.21 -3.74 -9.35
N GLU A 159 -3.06 -3.07 -9.49
CA GLU A 159 -2.02 -3.19 -8.51
C GLU A 159 -2.21 -2.34 -7.27
N ASP A 160 -2.08 -2.99 -6.10
CA ASP A 160 -2.13 -2.27 -4.83
C ASP A 160 -0.69 -1.82 -4.56
N ALA A 161 -0.42 -0.53 -4.78
CA ALA A 161 0.94 0.00 -4.59
C ALA A 161 1.03 0.98 -3.44
N ALA A 162 0.20 0.80 -2.40
CA ALA A 162 0.19 1.68 -1.26
C ALA A 162 1.50 1.69 -0.49
N HIS A 163 2.28 0.60 -0.55
CA HIS A 163 3.56 0.58 0.14
C HIS A 163 4.72 0.78 -0.87
N ALA A 164 4.38 1.06 -2.11
CA ALA A 164 5.39 1.08 -3.15
C ALA A 164 5.78 2.35 -3.84
N THR A 165 5.61 3.52 -3.21
CA THR A 165 6.03 4.74 -3.88
C THR A 165 7.57 4.68 -3.88
N GLY A 166 8.18 4.52 -5.04
CA GLY A 166 9.65 4.42 -5.09
C GLY A 166 10.10 3.00 -5.39
N THR A 167 9.17 2.05 -5.52
CA THR A 167 9.53 0.67 -5.82
C THR A 167 9.71 0.44 -7.31
N SER A 168 10.66 -0.43 -7.66
CA SER A 168 10.89 -0.75 -9.06
C SER A 168 10.95 -2.26 -9.24
N TYR A 169 10.49 -2.72 -10.39
CA TYR A 169 10.51 -4.16 -10.69
C TYR A 169 11.27 -4.37 -11.98
N LYS A 170 12.33 -5.19 -11.92
CA LYS A 170 13.12 -5.48 -13.14
C LYS A 170 13.36 -4.22 -13.97
N GLY A 171 13.95 -3.20 -13.35
CA GLY A 171 14.27 -1.95 -14.01
C GLY A 171 13.14 -1.06 -14.45
N ARG A 172 11.96 -1.22 -13.87
CA ARG A 172 10.81 -0.40 -14.26
C ARG A 172 9.99 -0.06 -13.03
N HIS A 173 9.66 1.21 -12.87
CA HIS A 173 8.90 1.69 -11.73
C HIS A 173 7.53 1.01 -11.65
N ILE A 174 7.13 0.73 -10.42
CA ILE A 174 5.76 0.20 -10.21
C ILE A 174 4.86 1.33 -10.72
N GLY A 175 3.89 1.04 -11.53
CA GLY A 175 3.01 2.01 -12.12
C GLY A 175 3.35 2.43 -13.54
N ALA A 176 4.51 2.03 -14.07
CA ALA A 176 4.87 2.45 -15.45
C ALA A 176 3.81 2.05 -16.45
N ARG A 177 3.30 0.85 -16.30
CA ARG A 177 2.27 0.32 -17.18
C ARG A 177 1.16 -0.31 -16.32
N GLY A 178 0.04 -0.64 -16.95
CA GLY A 178 -1.06 -1.27 -16.21
C GLY A 178 -1.72 -0.20 -15.32
N THR A 179 -2.31 -0.69 -14.23
CA THR A 179 -2.98 0.19 -13.28
C THR A 179 -2.40 -0.02 -11.89
N ALA A 180 -2.00 1.07 -11.25
CA ALA A 180 -1.42 0.97 -9.91
C ALA A 180 -1.98 2.09 -9.02
N ILE A 181 -2.24 1.70 -7.76
CA ILE A 181 -2.83 2.72 -6.88
C ILE A 181 -1.86 3.01 -5.74
N PHE A 182 -1.49 4.27 -5.58
CA PHE A 182 -0.56 4.67 -4.53
C PHE A 182 -1.28 5.39 -3.39
N SER A 183 -0.65 5.45 -2.22
CA SER A 183 -1.20 6.06 -1.05
C SER A 183 -0.32 7.13 -0.44
N PHE A 184 -1.00 8.19 0.00
CA PHE A 184 -0.33 9.30 0.69
C PHE A 184 -0.75 9.30 2.16
N HIS A 185 -1.20 8.16 2.70
CA HIS A 185 -1.57 8.16 4.13
C HIS A 185 -0.37 8.59 4.98
N ALA A 186 -0.60 9.17 6.14
CA ALA A 186 0.37 9.61 7.08
C ALA A 186 1.59 8.75 7.31
N ILE A 187 1.54 7.42 7.36
CA ILE A 187 2.79 6.68 7.62
C ILE A 187 3.39 6.07 6.36
N LYS A 188 2.95 6.53 5.19
N LYS A 188 3.00 6.58 5.20
CA LYS A 188 3.47 5.96 3.93
CA LYS A 188 3.49 6.11 3.93
C LYS A 188 4.68 6.75 3.46
C LYS A 188 4.80 6.80 3.53
N ASN A 189 5.44 6.28 2.48
CA ASN A 189 6.67 6.90 2.00
C ASN A 189 6.52 8.38 1.75
N ILE A 190 5.47 8.82 1.03
CA ILE A 190 5.22 10.26 0.88
C ILE A 190 3.80 10.47 1.47
N THR A 191 3.57 11.62 2.09
CA THR A 191 2.26 11.82 2.69
C THR A 191 1.74 13.25 2.61
N CYS A 192 0.41 13.30 2.65
CA CYS A 192 -0.34 14.54 2.70
C CYS A 192 -1.47 14.28 3.74
N ALA A 193 -1.18 13.45 4.71
CA ALA A 193 -2.01 13.00 5.82
C ALA A 193 -2.95 11.89 5.37
N GLU A 194 -3.76 12.16 4.35
CA GLU A 194 -4.64 11.23 3.70
C GLU A 194 -4.68 11.66 2.20
N GLY A 195 -4.60 10.68 1.33
CA GLY A 195 -4.68 10.94 -0.11
C GLY A 195 -4.21 9.70 -0.87
N GLY A 196 -4.35 9.72 -2.18
CA GLY A 196 -3.87 8.60 -2.99
C GLY A 196 -3.92 9.02 -4.45
N ILE A 197 -3.53 8.10 -5.35
CA ILE A 197 -3.61 8.48 -6.77
C ILE A 197 -3.65 7.17 -7.56
N VAL A 198 -4.45 7.14 -8.60
CA VAL A 198 -4.57 5.98 -9.45
C VAL A 198 -3.82 6.33 -10.75
N VAL A 199 -2.78 5.55 -11.03
CA VAL A 199 -2.01 5.73 -12.26
C VAL A 199 -2.43 4.63 -13.24
N THR A 200 -2.81 4.97 -14.45
CA THR A 200 -3.22 3.98 -15.44
C THR A 200 -2.77 4.34 -16.86
N ASP A 201 -2.80 3.35 -17.74
CA ASP A 201 -2.38 3.53 -19.12
C ASP A 201 -3.59 3.58 -20.05
N ASN A 202 -4.80 3.50 -19.50
CA ASN A 202 -6.02 3.50 -20.33
C ASN A 202 -6.78 4.81 -20.19
N PRO A 203 -6.94 5.54 -21.28
CA PRO A 203 -7.62 6.81 -21.28
C PRO A 203 -9.10 6.73 -20.94
N GLN A 204 -9.80 5.73 -21.45
CA GLN A 204 -11.23 5.62 -21.13
C GLN A 204 -11.39 5.25 -19.64
N PHE A 205 -10.51 4.41 -19.14
CA PHE A 205 -10.55 4.03 -17.72
C PHE A 205 -10.27 5.28 -16.89
N ALA A 206 -9.25 6.05 -17.25
CA ALA A 206 -8.90 7.28 -16.56
C ALA A 206 -10.08 8.24 -16.53
N ASP A 207 -10.76 8.47 -17.65
CA ASP A 207 -11.91 9.33 -17.70
C ASP A 207 -13.02 8.86 -16.73
N LYS A 208 -13.28 7.57 -16.68
CA LYS A 208 -14.28 7.03 -15.75
C LYS A 208 -13.85 7.32 -14.30
N LEU A 209 -12.57 7.13 -13.99
CA LEU A 209 -12.08 7.43 -12.65
C LEU A 209 -12.28 8.91 -12.29
N ARG A 210 -11.95 9.83 -13.19
CA ARG A 210 -12.08 11.26 -12.90
C ARG A 210 -13.51 11.63 -12.53
N SER A 211 -14.43 11.10 -13.31
CA SER A 211 -15.84 11.31 -13.09
C SER A 211 -16.37 10.62 -11.84
N LEU A 212 -15.96 9.37 -11.55
CA LEU A 212 -16.48 8.70 -10.36
C LEU A 212 -16.01 9.25 -9.02
N LYS A 213 -14.87 9.94 -8.98
CA LYS A 213 -14.35 10.52 -7.76
C LYS A 213 -14.91 11.93 -7.56
N PHE A 214 -15.74 12.38 -8.49
CA PHE A 214 -16.38 13.67 -8.38
C PHE A 214 -17.82 13.70 -8.80
N HIS A 215 -18.67 12.97 -8.07
CA HIS A 215 -20.12 12.92 -8.25
C HIS A 215 -20.64 12.33 -9.54
N GLY A 216 -19.78 11.73 -10.37
CA GLY A 216 -20.20 11.14 -11.64
C GLY A 216 -20.46 12.26 -12.63
N LEU A 217 -19.92 13.45 -12.32
CA LEU A 217 -20.13 14.59 -13.22
C LEU A 217 -19.27 14.45 -14.46
N GLY A 218 -19.79 14.99 -15.56
CA GLY A 218 -19.06 14.92 -16.83
C GLY A 218 -19.79 15.66 -17.92
N VAL A 219 -19.01 16.07 -18.93
CA VAL A 219 -19.58 16.77 -20.08
C VAL A 219 -20.08 15.72 -21.09
N ASP A 220 -21.34 15.87 -21.45
CA ASP A 220 -22.04 15.01 -22.39
C ASP A 220 -21.80 15.47 -23.84
N GLN A 232 -21.47 21.99 -20.24
CA GLN A 232 -21.57 22.13 -18.79
C GLN A 232 -21.80 20.77 -18.15
N ALA A 233 -20.97 20.43 -17.18
CA ALA A 233 -21.00 19.16 -16.48
C ALA A 233 -22.32 18.84 -15.83
N GLU A 234 -22.70 17.56 -15.84
CA GLU A 234 -23.97 17.13 -15.23
C GLU A 234 -23.83 15.67 -14.86
N VAL A 235 -24.66 15.12 -13.98
CA VAL A 235 -24.43 13.71 -13.62
C VAL A 235 -24.64 12.79 -14.82
N LEU A 236 -23.63 12.05 -15.21
CA LEU A 236 -23.67 11.12 -16.35
C LEU A 236 -24.07 9.75 -15.79
N ALA A 237 -23.40 9.41 -14.68
CA ALA A 237 -23.71 8.16 -13.97
C ALA A 237 -23.29 8.48 -12.52
N PRO A 238 -24.11 8.19 -11.55
CA PRO A 238 -23.83 8.49 -10.16
C PRO A 238 -22.45 8.12 -9.71
N GLY A 239 -21.80 9.05 -9.00
CA GLY A 239 -20.45 8.82 -8.49
C GLY A 239 -20.38 9.32 -7.04
N TYR A 240 -19.21 9.12 -6.48
CA TYR A 240 -18.92 9.48 -5.10
C TYR A 240 -18.14 10.77 -5.02
N LYS A 241 -17.84 11.16 -3.79
CA LYS A 241 -17.05 12.35 -3.57
C LYS A 241 -15.71 11.93 -2.97
N TYR A 242 -14.71 11.89 -3.85
CA TYR A 242 -13.38 11.45 -3.41
C TYR A 242 -12.27 12.36 -3.94
N ASN A 243 -12.55 13.63 -4.15
CA ASN A 243 -11.52 14.52 -4.70
C ASN A 243 -10.56 14.93 -3.58
N LEU A 244 -9.30 15.08 -3.94
CA LEU A 244 -8.24 15.50 -3.01
C LEU A 244 -8.09 17.01 -3.06
N PRO A 245 -8.18 17.71 -1.93
CA PRO A 245 -8.01 19.15 -1.94
C PRO A 245 -6.64 19.59 -2.43
N ASP A 246 -6.52 20.77 -3.03
CA ASP A 246 -5.19 21.26 -3.43
C ASP A 246 -4.27 21.47 -2.23
N LEU A 247 -4.88 21.77 -1.09
CA LEU A 247 -4.15 21.99 0.17
C LEU A 247 -3.29 20.76 0.48
N ASN A 248 -3.97 19.61 0.48
CA ASN A 248 -3.24 18.35 0.73
C ASN A 248 -2.42 17.97 -0.50
N ALA A 249 -2.88 18.28 -1.73
CA ALA A 249 -2.06 17.91 -2.89
C ALA A 249 -0.72 18.64 -2.91
N ALA A 250 -0.66 19.85 -2.39
CA ALA A 250 0.57 20.63 -2.36
C ALA A 250 1.56 20.03 -1.39
N ILE A 251 1.06 19.44 -0.30
CA ILE A 251 1.94 18.75 0.64
C ILE A 251 2.52 17.50 -0.03
N ALA A 252 1.68 16.76 -0.77
CA ALA A 252 2.16 15.53 -1.43
C ALA A 252 3.25 15.91 -2.44
N LEU A 253 3.03 16.96 -3.18
CA LEU A 253 4.01 17.48 -4.16
C LEU A 253 5.34 17.80 -3.49
N ALA A 254 5.33 18.45 -2.32
CA ALA A 254 6.59 18.79 -1.64
C ALA A 254 7.29 17.53 -1.16
N GLN A 255 6.50 16.55 -0.70
CA GLN A 255 7.02 15.27 -0.25
C GLN A 255 7.59 14.48 -1.44
N LEU A 256 6.92 14.54 -2.57
CA LEU A 256 7.33 13.85 -3.77
C LEU A 256 8.71 14.35 -4.23
N GLN A 257 8.97 15.65 -4.07
CA GLN A 257 10.24 16.25 -4.43
C GLN A 257 11.39 15.70 -3.60
N LYS A 258 11.15 15.21 -2.38
CA LYS A 258 12.16 14.62 -1.55
C LYS A 258 12.18 13.10 -1.57
N LEU A 259 11.47 12.45 -2.48
CA LEU A 259 11.40 10.98 -2.44
C LEU A 259 12.68 10.22 -2.37
N ASP A 260 13.67 10.49 -3.24
CA ASP A 260 14.92 9.68 -3.13
C ASP A 260 15.58 9.84 -1.80
N ALA A 261 15.71 11.09 -1.34
CA ALA A 261 16.33 11.27 -0.01
C ALA A 261 15.58 10.51 1.06
N LEU A 262 14.24 10.66 1.12
CA LEU A 262 13.50 9.95 2.19
C LEU A 262 13.65 8.44 2.07
N ASN A 263 13.52 7.92 0.85
CA ASN A 263 13.66 6.46 0.68
C ASN A 263 15.05 6.00 1.04
N ALA A 264 16.10 6.76 0.66
CA ALA A 264 17.46 6.36 1.04
C ALA A 264 17.59 6.29 2.55
N ARG A 265 16.98 7.19 3.33
CA ARG A 265 17.07 7.11 4.78
C ARG A 265 16.37 5.84 5.28
N ARG A 266 15.26 5.46 4.65
CA ARG A 266 14.56 4.23 5.02
C ARG A 266 15.45 3.02 4.73
N ALA A 267 16.01 2.97 3.51
CA ALA A 267 16.88 1.86 3.12
C ALA A 267 18.07 1.70 4.07
N ALA A 268 18.71 2.81 4.43
CA ALA A 268 19.85 2.78 5.35
C ALA A 268 19.49 2.04 6.62
N ILE A 269 18.38 2.47 7.24
CA ILE A 269 17.91 1.88 8.48
C ILE A 269 17.55 0.41 8.32
N ALA A 270 17.10 0.01 7.14
CA ALA A 270 16.78 -1.39 6.86
C ALA A 270 18.06 -2.22 6.93
N ALA A 271 19.14 -1.68 6.39
CA ALA A 271 20.46 -2.33 6.40
C ALA A 271 20.92 -2.55 7.84
N GLN A 272 20.85 -1.50 8.67
CA GLN A 272 21.25 -1.68 10.06
C GLN A 272 20.41 -2.79 10.69
N TYR A 273 19.08 -2.72 10.52
CA TYR A 273 18.20 -3.75 11.02
C TYR A 273 18.68 -5.12 10.54
N HIS A 274 18.92 -5.24 9.25
CA HIS A 274 19.39 -6.47 8.64
C HIS A 274 20.65 -6.97 9.36
N GLN A 275 21.62 -6.07 9.53
CA GLN A 275 22.85 -6.40 10.22
C GLN A 275 22.54 -6.86 11.64
N ALA A 276 21.80 -6.04 12.37
CA ALA A 276 21.42 -6.32 13.74
C ALA A 276 20.64 -7.60 13.92
N MET A 277 19.90 -8.04 12.92
CA MET A 277 19.09 -9.23 12.97
C MET A 277 19.90 -10.51 12.95
N ALA A 278 21.13 -10.45 12.44
CA ALA A 278 22.02 -11.62 12.41
C ALA A 278 22.27 -12.13 13.82
N ASP A 279 22.39 -11.23 14.78
CA ASP A 279 22.60 -11.55 16.18
C ASP A 279 21.31 -11.74 16.96
N LEU A 280 20.15 -11.71 16.29
CA LEU A 280 18.89 -11.90 16.98
C LEU A 280 18.09 -13.03 16.34
N PRO A 281 17.17 -13.59 17.11
CA PRO A 281 16.33 -14.69 16.69
C PRO A 281 15.08 -14.34 15.92
N PHE A 282 14.87 -13.08 15.58
CA PHE A 282 13.70 -12.65 14.82
C PHE A 282 13.98 -12.78 13.34
N GLN A 283 13.01 -13.20 12.53
CA GLN A 283 13.22 -13.38 11.10
C GLN A 283 12.54 -12.38 10.19
N PRO A 284 13.34 -11.53 9.56
CA PRO A 284 12.83 -10.54 8.62
C PRO A 284 12.19 -11.25 7.44
N LEU A 285 11.47 -10.51 6.60
CA LEU A 285 10.88 -11.14 5.42
C LEU A 285 12.04 -11.38 4.44
N SER A 286 11.79 -12.22 3.44
CA SER A 286 12.80 -12.46 2.43
C SER A 286 12.58 -11.45 1.29
N LEU A 287 13.66 -11.10 0.62
CA LEU A 287 13.55 -10.19 -0.53
C LEU A 287 13.05 -11.09 -1.66
N PRO A 288 12.20 -10.59 -2.54
CA PRO A 288 11.72 -11.41 -3.65
C PRO A 288 12.97 -11.80 -4.44
N SER A 289 12.88 -12.78 -5.32
CA SER A 289 14.06 -13.19 -6.07
C SER A 289 14.30 -12.39 -7.33
N TRP A 290 13.30 -11.78 -7.93
CA TRP A 290 13.51 -11.00 -9.15
C TRP A 290 14.20 -9.68 -8.85
N GLU A 291 14.70 -9.01 -9.89
CA GLU A 291 15.37 -7.73 -9.69
C GLU A 291 14.35 -6.65 -9.30
N HIS A 292 14.74 -5.81 -8.35
CA HIS A 292 13.84 -4.73 -7.93
C HIS A 292 14.57 -3.67 -7.10
N ILE A 293 13.81 -2.63 -6.77
CA ILE A 293 14.30 -1.59 -5.88
C ILE A 293 13.24 -1.52 -4.76
N HIS A 294 13.63 -1.74 -3.54
CA HIS A 294 12.77 -1.77 -2.38
C HIS A 294 12.53 -0.40 -1.75
N ALA A 295 11.27 0.05 -1.69
CA ALA A 295 10.99 1.35 -1.08
C ALA A 295 11.15 1.34 0.43
N TRP A 296 11.21 0.16 1.04
CA TRP A 296 11.36 0.05 2.47
C TRP A 296 10.29 0.84 3.21
N HIS A 297 9.03 0.54 2.89
CA HIS A 297 7.92 1.21 3.59
C HIS A 297 7.86 0.67 5.01
N LEU A 298 8.06 -0.65 5.15
CA LEU A 298 8.05 -1.29 6.47
C LEU A 298 9.20 -2.26 6.66
N PHE A 299 9.64 -2.45 7.89
CA PHE A 299 10.65 -3.43 8.22
C PHE A 299 9.92 -4.48 9.11
N ILE A 300 9.39 -5.51 8.50
CA ILE A 300 8.65 -6.55 9.22
C ILE A 300 9.52 -7.72 9.65
N ILE A 301 9.31 -8.20 10.86
CA ILE A 301 9.96 -9.34 11.45
C ILE A 301 8.90 -10.36 11.90
N ARG A 302 9.29 -11.64 11.85
CA ARG A 302 8.39 -12.70 12.33
C ARG A 302 8.86 -13.07 13.73
N VAL A 303 7.95 -13.27 14.66
CA VAL A 303 8.29 -13.62 16.03
C VAL A 303 7.67 -14.96 16.40
N ASP A 304 8.39 -16.03 16.07
CA ASP A 304 7.90 -17.38 16.37
C ASP A 304 8.29 -17.74 17.81
N GLU A 305 7.28 -17.94 18.67
CA GLU A 305 7.48 -18.26 20.06
C GLU A 305 8.53 -19.34 20.31
N ALA A 306 8.46 -20.44 19.58
CA ALA A 306 9.43 -21.51 19.77
C ALA A 306 10.85 -21.00 19.54
N ARG A 307 11.12 -20.48 18.36
CA ARG A 307 12.43 -19.96 18.00
C ARG A 307 12.93 -18.82 18.87
N CYS A 308 12.08 -17.88 19.24
CA CYS A 308 12.46 -16.72 20.03
C CYS A 308 12.25 -16.83 21.52
N GLY A 309 11.31 -17.68 21.96
CA GLY A 309 11.03 -17.82 23.38
C GLY A 309 10.07 -16.75 23.89
N ILE A 310 9.55 -15.95 22.98
CA ILE A 310 8.61 -14.87 23.24
C ILE A 310 7.63 -14.85 22.06
N THR A 311 6.35 -14.60 22.33
CA THR A 311 5.38 -14.55 21.23
C THR A 311 5.41 -13.14 20.59
N ARG A 312 4.71 -12.99 19.49
CA ARG A 312 4.63 -11.70 18.79
C ARG A 312 3.91 -10.68 19.66
N ASP A 313 2.73 -11.02 20.17
CA ASP A 313 1.98 -10.11 21.02
C ASP A 313 2.78 -9.72 22.26
N ALA A 314 3.46 -10.69 22.89
CA ALA A 314 4.26 -10.40 24.08
C ALA A 314 5.40 -9.45 23.73
N LEU A 315 6.06 -9.69 22.59
CA LEU A 315 7.14 -8.79 22.19
C LEU A 315 6.58 -7.39 21.95
N MET A 316 5.48 -7.27 21.20
CA MET A 316 4.87 -5.98 20.95
C MET A 316 4.56 -5.30 22.29
N ALA A 317 3.99 -6.05 23.23
CA ALA A 317 3.68 -5.44 24.53
C ALA A 317 4.96 -5.09 25.28
N SER A 318 5.98 -5.94 25.17
CA SER A 318 7.25 -5.70 25.85
C SER A 318 7.91 -4.42 25.35
N LEU A 319 8.05 -4.32 24.04
CA LEU A 319 8.63 -3.16 23.37
C LEU A 319 7.93 -1.87 23.76
N LYS A 320 6.62 -1.92 23.97
CA LYS A 320 5.82 -0.76 24.35
C LYS A 320 6.07 -0.32 25.79
N THR A 321 6.50 -1.23 26.64
CA THR A 321 6.80 -0.90 28.04
C THR A 321 8.02 0.01 28.05
N LYS A 322 8.93 -0.26 27.12
CA LYS A 322 10.15 0.47 26.88
C LYS A 322 9.92 1.74 26.08
N GLY A 323 8.66 2.10 25.80
CA GLY A 323 8.32 3.26 25.03
C GLY A 323 8.62 3.09 23.55
N ILE A 324 8.58 1.87 23.02
CA ILE A 324 8.84 1.64 21.60
C ILE A 324 7.56 1.10 20.93
N GLY A 325 7.07 1.88 19.96
CA GLY A 325 5.83 1.47 19.28
C GLY A 325 6.15 0.55 18.12
N THR A 326 5.25 -0.41 17.84
CA THR A 326 5.42 -1.33 16.72
C THR A 326 4.10 -1.37 15.92
N GLY A 327 4.16 -1.87 14.68
CA GLY A 327 2.94 -1.95 13.86
C GLY A 327 2.56 -3.39 13.55
N LEU A 328 1.33 -3.61 13.10
CA LEU A 328 0.87 -4.95 12.75
C LEU A 328 0.34 -4.95 11.32
N HIS A 329 1.18 -5.35 10.38
CA HIS A 329 0.83 -5.40 8.96
C HIS A 329 0.98 -6.77 8.37
N PHE A 330 -0.09 -7.57 8.35
CA PHE A 330 -1.39 -7.25 8.85
C PHE A 330 -2.07 -8.46 9.53
N ARG A 331 -3.10 -8.15 10.33
CA ARG A 331 -3.90 -9.26 10.89
C ARG A 331 -4.74 -9.65 9.65
N ALA A 332 -4.37 -10.76 9.02
CA ALA A 332 -5.05 -11.16 7.79
C ALA A 332 -6.53 -10.86 7.78
N ALA A 333 -7.02 -10.35 6.65
CA ALA A 333 -8.42 -10.03 6.48
C ALA A 333 -9.36 -11.17 6.84
N HIS A 334 -9.07 -12.40 6.41
CA HIS A 334 -9.94 -13.54 6.67
C HIS A 334 -10.05 -13.95 8.12
N THR A 335 -9.23 -13.40 9.01
CA THR A 335 -9.30 -13.70 10.43
C THR A 335 -10.07 -12.60 11.17
N GLN A 336 -10.61 -11.62 10.44
CA GLN A 336 -11.37 -10.56 11.09
C GLN A 336 -12.85 -10.93 11.10
N LYS A 337 -13.53 -10.54 12.17
CA LYS A 337 -14.92 -10.88 12.41
C LYS A 337 -15.77 -11.06 11.19
N TYR A 338 -16.11 -9.97 10.47
CA TYR A 338 -16.97 -10.14 9.31
C TYR A 338 -16.54 -11.24 8.37
N TYR A 339 -15.23 -11.30 8.04
CA TYR A 339 -14.75 -12.31 7.10
C TYR A 339 -14.67 -13.69 7.68
N ARG A 340 -14.43 -13.85 8.96
CA ARG A 340 -14.43 -15.20 9.56
C ARG A 340 -15.84 -15.80 9.40
N GLU A 341 -16.84 -14.97 9.73
CA GLU A 341 -18.23 -15.41 9.66
C GLU A 341 -18.74 -15.64 8.25
N ARG A 342 -18.21 -14.95 7.24
CA ARG A 342 -18.71 -15.15 5.89
C ARG A 342 -17.98 -16.26 5.16
N PHE A 343 -16.74 -16.54 5.48
CA PHE A 343 -15.90 -17.57 4.88
C PHE A 343 -15.32 -18.47 5.99
N PRO A 344 -16.21 -19.16 6.71
CA PRO A 344 -15.81 -20.00 7.81
C PRO A 344 -14.85 -21.11 7.49
N THR A 345 -14.94 -21.71 6.31
CA THR A 345 -14.06 -22.79 5.94
C THR A 345 -12.80 -22.34 5.21
N LEU A 346 -12.61 -21.04 5.03
CA LEU A 346 -11.43 -20.59 4.30
C LEU A 346 -10.15 -20.84 5.07
N THR A 347 -9.19 -21.60 4.53
CA THR A 347 -7.93 -21.77 5.27
C THR A 347 -6.77 -21.35 4.37
N LEU A 348 -5.84 -20.58 4.88
CA LEU A 348 -4.66 -20.11 4.11
C LEU A 348 -3.44 -20.17 5.03
N PRO A 349 -2.79 -21.31 5.14
CA PRO A 349 -1.69 -21.57 6.02
C PRO A 349 -0.55 -20.60 6.10
N ASP A 350 0.07 -20.26 4.98
CA ASP A 350 1.22 -19.33 5.00
C ASP A 350 0.76 -17.98 5.51
N THR A 351 -0.39 -17.52 5.00
CA THR A 351 -0.98 -16.28 5.48
C THR A 351 -1.23 -16.32 6.98
N GLU A 352 -1.86 -17.40 7.46
CA GLU A 352 -2.18 -17.51 8.89
C GLU A 352 -0.93 -17.61 9.74
N TRP A 353 0.03 -18.41 9.28
CA TRP A 353 1.29 -18.57 9.99
C TRP A 353 1.94 -17.22 10.22
N ASN A 354 2.03 -16.41 9.17
CA ASN A 354 2.65 -15.10 9.25
C ASN A 354 1.82 -14.10 10.02
N SER A 355 0.50 -14.14 9.86
CA SER A 355 -0.39 -13.22 10.54
C SER A 355 -0.24 -13.27 12.05
N GLU A 356 0.01 -14.44 12.63
CA GLU A 356 0.18 -14.60 14.07
C GLU A 356 1.57 -14.24 14.55
N ARG A 357 2.52 -14.08 13.64
CA ARG A 357 3.89 -13.77 13.96
C ARG A 357 4.49 -12.45 13.53
N ILE A 358 3.92 -11.74 12.57
CA ILE A 358 4.53 -10.50 12.11
C ILE A 358 4.24 -9.27 12.94
N CYS A 359 5.20 -8.35 12.84
CA CYS A 359 5.11 -7.05 13.50
C CYS A 359 6.09 -6.11 12.79
N SER A 360 5.79 -4.84 12.79
CA SER A 360 6.62 -3.86 12.10
C SER A 360 7.39 -3.00 13.09
N LEU A 361 8.72 -3.02 12.98
CA LEU A 361 9.53 -2.21 13.91
C LEU A 361 9.66 -0.79 13.37
N PRO A 362 10.05 0.14 14.22
CA PRO A 362 10.22 1.52 13.86
C PRO A 362 11.08 1.72 12.65
N LEU A 363 10.54 2.44 11.67
CA LEU A 363 11.17 2.78 10.44
C LEU A 363 10.53 4.02 9.79
N PHE A 364 11.27 5.12 9.76
CA PHE A 364 10.81 6.38 9.17
C PHE A 364 12.04 7.20 8.80
N PRO A 365 11.93 8.15 7.90
CA PRO A 365 13.07 8.96 7.48
C PRO A 365 13.76 9.76 8.54
N ASP A 366 13.10 10.24 9.59
CA ASP A 366 13.72 11.03 10.63
C ASP A 366 14.22 10.20 11.80
N MET A 367 14.11 8.87 11.71
CA MET A 367 14.60 8.03 12.82
C MET A 367 16.12 8.17 12.97
N THR A 368 16.58 8.43 14.18
CA THR A 368 18.02 8.59 14.47
C THR A 368 18.64 7.31 15.01
N GLU A 369 19.98 7.28 15.22
CA GLU A 369 20.55 6.05 15.80
C GLU A 369 20.18 5.96 17.26
N SER A 370 19.99 7.12 17.91
CA SER A 370 19.53 7.04 19.32
C SER A 370 18.25 6.20 19.28
N ASP A 371 17.37 6.48 18.30
CA ASP A 371 16.16 5.70 18.11
C ASP A 371 16.52 4.26 17.70
N PHE A 372 17.23 4.16 16.57
CA PHE A 372 17.60 2.86 16.05
C PHE A 372 18.16 1.98 17.15
N ASP A 373 19.39 2.31 17.56
CA ASP A 373 20.06 1.58 18.63
C ASP A 373 19.16 1.31 19.80
N ARG A 374 18.29 2.23 20.21
CA ARG A 374 17.37 2.01 21.32
C ARG A 374 16.47 0.80 21.06
N VAL A 375 16.03 0.65 19.81
CA VAL A 375 15.18 -0.47 19.43
C VAL A 375 15.97 -1.77 19.54
N ILE A 376 17.20 -1.74 19.04
CA ILE A 376 18.07 -2.90 19.07
C ILE A 376 18.48 -3.32 20.47
N THR A 377 18.62 -2.39 21.43
CA THR A 377 18.98 -2.82 22.78
C THR A 377 17.74 -3.21 23.58
N ALA A 378 16.57 -3.12 22.97
CA ALA A 378 15.32 -3.50 23.63
C ALA A 378 14.99 -4.92 23.16
N LEU A 379 15.36 -5.19 21.90
CA LEU A 379 15.13 -6.51 21.32
C LEU A 379 16.05 -7.51 22.00
N HIS A 380 17.32 -7.12 22.15
CA HIS A 380 18.29 -7.99 22.83
C HIS A 380 17.79 -8.27 24.25
N GLN A 381 17.44 -7.21 24.98
CA GLN A 381 16.88 -7.40 26.32
C GLN A 381 15.82 -8.51 26.23
N ILE A 382 14.85 -8.33 25.35
CA ILE A 382 13.76 -9.26 25.10
C ILE A 382 14.19 -10.66 24.72
N ALA A 383 15.10 -10.83 23.77
CA ALA A 383 15.53 -12.16 23.36
C ALA A 383 16.57 -12.74 24.32
#